data_2QPM
#
_entry.id   2QPM
#
_cell.length_a   248.5
_cell.length_b   49.7
_cell.length_c   50.5
_cell.angle_alpha   90.0
_cell.angle_beta   93.7
_cell.angle_gamma   90.0
#
_symmetry.space_group_name_H-M   'C 1 2 1'
#
loop_
_entity.id
_entity.type
_entity.pdbx_description
1 polymer 'Cytokinin dehydrogenase 1'
2 branched 2-acetamido-2-deoxy-beta-D-glucopyranose-(1-4)-2-acetamido-2-deoxy-beta-D-glucopyranose
3 non-polymer 2-acetamido-2-deoxy-beta-D-glucopyranose
4 non-polymer 'FLAVIN-ADENINE DINUCLEOTIDE'
5 non-polymer 1-benzyl-3-(2-chloropyridin-4-yl)urea
6 water water
#
_entity_poly.entity_id   1
_entity_poly.type   'polypeptide(L)'
_entity_poly.pdbx_seq_one_letter_code
;LAAGTPALGDDRGRPWPASLAALALDGKLRTDSNATAAASTDFGNITSALPAAVLYPSSTADLVALLSAANSTPGWPYTI
AFRGRGHSLMGQAFAPGGVVVNMASLGDAAAPPRINVSADGRYVDAGGEQVWIDVLRASLARGVAPRSWTDYLYLTVGGT
LSNAGISGQAFRHGPQISNVLEMDVITGHGEMVTCSKQLNADLFDAVLGGLGQFGVITRARIAVEPAPARARWVRLVYTD
FAAFSADQERLTAPRPGGGGASFGPMSYVEGSVFVNQSLATDLANTGFFTDADVARIVALAGERNATTVYSIEATLNYDN
ATAAAAAVDQELASVLGTLSYVEGFAFQRDVAYAAFLDRVHGEEVALNKLGLWRVPHPWLNMFVPRSRIADFDRGVFKGI
LQGTDIVGPLIVYPLNKSMWDDGMSAATPSEDVFYAVSLLFSSVAPNDLARLQEQNRRILRFCDLAGIQYKTYAARHTDR
SDWVRHFGAAKWNRFVEMKNKYDPKRLLSPGQDIFN
;
_entity_poly.pdbx_strand_id   A
#
# COMPACT_ATOMS: atom_id res chain seq x y z
N PRO A 15 -12.59 -32.95 19.49
CA PRO A 15 -13.69 -32.17 20.07
C PRO A 15 -13.68 -30.70 19.66
N TRP A 16 -14.84 -30.20 19.27
CA TRP A 16 -15.01 -28.81 18.85
C TRP A 16 -15.58 -27.96 19.97
N PRO A 17 -15.03 -26.75 20.17
CA PRO A 17 -15.59 -25.91 21.23
C PRO A 17 -16.99 -25.49 20.80
N ALA A 18 -17.86 -25.28 21.76
CA ALA A 18 -19.25 -24.89 21.49
C ALA A 18 -19.34 -23.72 20.52
N SER A 19 -18.66 -22.62 20.84
CA SER A 19 -18.68 -21.42 20.00
C SER A 19 -18.20 -21.70 18.58
N LEU A 20 -17.24 -22.60 18.44
CA LEU A 20 -16.71 -22.94 17.12
C LEU A 20 -17.75 -23.73 16.33
N ALA A 21 -18.42 -24.67 16.99
CA ALA A 21 -19.44 -25.49 16.34
C ALA A 21 -20.60 -24.59 15.91
N ALA A 22 -20.92 -23.61 16.75
CA ALA A 22 -21.99 -22.68 16.47
C ALA A 22 -21.78 -21.97 15.14
N LEU A 23 -20.52 -21.67 14.83
CA LEU A 23 -20.19 -21.01 13.57
C LEU A 23 -20.52 -21.95 12.42
N ALA A 24 -20.26 -23.24 12.63
CA ALA A 24 -20.55 -24.24 11.61
C ALA A 24 -22.07 -24.32 11.41
N LEU A 25 -22.80 -24.42 12.52
CA LEU A 25 -24.26 -24.48 12.47
C LEU A 25 -24.88 -23.30 11.74
N ASP A 26 -24.42 -22.10 12.07
CA ASP A 26 -24.95 -20.88 11.48
C ASP A 26 -24.52 -20.68 10.02
N GLY A 27 -23.75 -21.63 9.50
CA GLY A 27 -23.29 -21.55 8.13
C GLY A 27 -22.21 -20.50 7.90
N LYS A 28 -21.63 -19.98 8.97
CA LYS A 28 -20.58 -18.97 8.85
C LYS A 28 -19.26 -19.62 8.49
N LEU A 29 -19.05 -20.84 8.96
CA LEU A 29 -17.82 -21.58 8.69
C LEU A 29 -18.11 -22.53 7.54
N ARG A 30 -17.76 -22.12 6.33
CA ARG A 30 -18.01 -22.92 5.13
C ARG A 30 -16.81 -23.69 4.59
N THR A 31 -17.09 -24.74 3.84
CA THR A 31 -16.06 -25.59 3.25
C THR A 31 -16.37 -25.88 1.78
N ASP A 32 -17.53 -25.41 1.32
CA ASP A 32 -17.91 -25.63 -0.06
C ASP A 32 -16.84 -25.11 -1.03
N SER A 33 -16.68 -25.79 -2.15
CA SER A 33 -15.68 -25.44 -3.15
C SER A 33 -15.78 -23.98 -3.60
N ASN A 34 -16.99 -23.44 -3.62
CA ASN A 34 -17.18 -22.06 -4.04
C ASN A 34 -16.48 -21.11 -3.07
N ALA A 35 -16.61 -21.40 -1.79
CA ALA A 35 -15.99 -20.56 -0.76
C ALA A 35 -14.47 -20.68 -0.77
N THR A 36 -13.96 -21.91 -0.66
CA THR A 36 -12.53 -22.15 -0.63
C THR A 36 -11.83 -21.62 -1.88
N ALA A 37 -12.48 -21.73 -3.02
CA ALA A 37 -11.91 -21.27 -4.28
C ALA A 37 -11.73 -19.75 -4.29
N ALA A 38 -12.75 -19.03 -3.84
CA ALA A 38 -12.69 -17.57 -3.81
C ALA A 38 -11.60 -17.06 -2.88
N ALA A 39 -11.31 -17.81 -1.83
CA ALA A 39 -10.29 -17.42 -0.87
C ALA A 39 -8.93 -18.07 -1.15
N SER A 40 -8.79 -18.63 -2.35
CA SER A 40 -7.54 -19.29 -2.70
C SER A 40 -6.69 -18.53 -3.70
N THR A 41 -7.22 -17.43 -4.22
CA THR A 41 -6.49 -16.61 -5.19
C THR A 41 -6.42 -15.17 -4.71
N ASP A 42 -5.49 -14.40 -5.26
CA ASP A 42 -5.39 -13.00 -4.88
C ASP A 42 -5.09 -12.13 -6.09
N PHE A 43 -4.92 -10.83 -5.86
CA PHE A 43 -4.65 -9.91 -6.95
C PHE A 43 -3.41 -10.27 -7.75
N GLY A 44 -2.42 -10.84 -7.07
CA GLY A 44 -1.19 -11.23 -7.74
C GLY A 44 -1.48 -12.16 -8.91
N ASN A 45 -2.47 -13.03 -8.74
CA ASN A 45 -2.87 -13.98 -9.78
C ASN A 45 -1.66 -14.80 -10.19
N ILE A 46 -0.74 -15.02 -9.26
CA ILE A 46 0.48 -15.78 -9.54
C ILE A 46 0.52 -17.05 -8.73
N THR A 47 0.11 -16.95 -7.47
CA THR A 47 0.10 -18.09 -6.58
C THR A 47 -1.30 -18.35 -6.08
N SER A 48 -1.57 -19.58 -5.67
CA SER A 48 -2.89 -19.94 -5.15
C SER A 48 -2.72 -21.03 -4.10
N ALA A 49 -3.67 -21.09 -3.18
CA ALA A 49 -3.64 -22.09 -2.11
C ALA A 49 -5.03 -22.20 -1.51
N LEU A 50 -5.64 -23.36 -1.65
CA LEU A 50 -6.98 -23.59 -1.13
C LEU A 50 -6.97 -23.78 0.38
N PRO A 51 -7.88 -23.08 1.09
CA PRO A 51 -7.92 -23.24 2.54
C PRO A 51 -8.87 -24.41 2.80
N ALA A 52 -8.86 -24.95 4.01
CA ALA A 52 -9.76 -26.05 4.33
C ALA A 52 -11.17 -25.49 4.53
N ALA A 53 -11.25 -24.25 4.99
CA ALA A 53 -12.53 -23.61 5.22
C ALA A 53 -12.42 -22.09 5.20
N VAL A 54 -13.57 -21.43 5.03
CA VAL A 54 -13.62 -19.98 5.01
C VAL A 54 -14.63 -19.53 6.05
N LEU A 55 -14.24 -18.57 6.89
CA LEU A 55 -15.11 -18.06 7.93
C LEU A 55 -15.71 -16.73 7.51
N TYR A 56 -17.04 -16.64 7.57
CA TYR A 56 -17.75 -15.42 7.22
C TYR A 56 -18.32 -14.86 8.52
N PRO A 57 -17.46 -14.24 9.34
CA PRO A 57 -17.89 -13.67 10.61
C PRO A 57 -18.91 -12.55 10.43
N SER A 58 -19.89 -12.48 11.33
CA SER A 58 -20.90 -11.44 11.26
C SER A 58 -20.60 -10.42 12.34
N SER A 59 -19.73 -10.80 13.28
CA SER A 59 -19.33 -9.93 14.37
C SER A 59 -17.93 -10.34 14.82
N THR A 60 -17.28 -9.49 15.61
CA THR A 60 -15.95 -9.80 16.10
C THR A 60 -15.98 -10.96 17.08
N ALA A 61 -17.16 -11.28 17.59
CA ALA A 61 -17.30 -12.39 18.52
C ALA A 61 -16.96 -13.69 17.78
N ASP A 62 -17.34 -13.76 16.51
CA ASP A 62 -17.07 -14.94 15.71
C ASP A 62 -15.56 -15.11 15.53
N LEU A 63 -14.84 -14.01 15.53
CA LEU A 63 -13.38 -14.05 15.38
C LEU A 63 -12.76 -14.59 16.67
N VAL A 64 -13.29 -14.15 17.80
CA VAL A 64 -12.79 -14.62 19.10
C VAL A 64 -13.00 -16.13 19.20
N ALA A 65 -14.18 -16.59 18.81
CA ALA A 65 -14.51 -18.02 18.85
C ALA A 65 -13.45 -18.85 18.14
N LEU A 66 -13.22 -18.55 16.86
CA LEU A 66 -12.24 -19.27 16.07
C LEU A 66 -10.84 -19.23 16.69
N LEU A 67 -10.38 -18.01 16.98
CA LEU A 67 -9.05 -17.83 17.57
C LEU A 67 -8.92 -18.43 18.97
N SER A 68 -10.00 -18.38 19.73
CA SER A 68 -9.99 -18.95 21.09
C SER A 68 -9.92 -20.46 20.95
N ALA A 69 -10.66 -20.99 19.98
CA ALA A 69 -10.68 -22.42 19.73
C ALA A 69 -9.26 -22.89 19.43
N ALA A 70 -8.62 -22.22 18.48
CA ALA A 70 -7.26 -22.57 18.08
C ALA A 70 -6.27 -22.48 19.22
N ASN A 71 -6.45 -21.49 20.10
CA ASN A 71 -5.54 -21.31 21.23
C ASN A 71 -5.68 -22.36 22.33
N SER A 72 -6.92 -22.77 22.62
CA SER A 72 -7.17 -23.75 23.68
C SER A 72 -7.09 -25.19 23.18
N THR A 73 -7.36 -25.40 21.90
CA THR A 73 -7.33 -26.74 21.31
C THR A 73 -5.93 -27.25 20.97
N PRO A 74 -5.39 -28.16 21.79
CA PRO A 74 -4.04 -28.71 21.53
C PRO A 74 -4.01 -29.39 20.17
N GLY A 75 -2.92 -29.21 19.44
CA GLY A 75 -2.81 -29.83 18.13
C GLY A 75 -3.58 -29.16 17.02
N TRP A 76 -4.21 -28.02 17.30
CA TRP A 76 -4.96 -27.29 16.28
C TRP A 76 -4.04 -27.17 15.06
N PRO A 77 -4.44 -27.78 13.93
CA PRO A 77 -3.66 -27.75 12.68
C PRO A 77 -4.09 -26.74 11.63
N TYR A 78 -5.00 -25.84 11.97
CA TYR A 78 -5.47 -24.88 10.99
C TYR A 78 -4.89 -23.48 11.08
N THR A 79 -4.07 -23.12 10.11
CA THR A 79 -3.50 -21.78 10.09
C THR A 79 -4.65 -20.86 9.75
N ILE A 80 -4.55 -19.60 10.15
CA ILE A 80 -5.62 -18.65 9.89
C ILE A 80 -5.12 -17.36 9.23
N ALA A 81 -5.80 -16.96 8.16
CA ALA A 81 -5.44 -15.74 7.45
C ALA A 81 -6.64 -14.82 7.52
N PHE A 82 -6.41 -13.52 7.35
CA PHE A 82 -7.48 -12.54 7.39
C PHE A 82 -7.57 -11.86 6.04
N ARG A 83 -8.45 -12.35 5.18
CA ARG A 83 -8.59 -11.77 3.85
C ARG A 83 -9.33 -10.43 3.86
N GLY A 84 -8.65 -9.37 3.47
CA GLY A 84 -9.26 -8.06 3.42
C GLY A 84 -9.98 -7.98 2.09
N ARG A 85 -9.23 -7.72 1.03
CA ARG A 85 -9.80 -7.66 -0.31
C ARG A 85 -8.92 -8.51 -1.23
N GLY A 86 -7.96 -9.20 -0.62
CA GLY A 86 -7.06 -10.06 -1.38
C GLY A 86 -6.14 -9.36 -2.36
N HIS A 87 -5.74 -8.12 -2.06
CA HIS A 87 -4.85 -7.41 -2.96
C HIS A 87 -3.40 -7.84 -2.84
N SER A 88 -3.15 -8.82 -1.96
CA SER A 88 -1.82 -9.35 -1.79
C SER A 88 -1.35 -9.82 -3.15
N LEU A 89 -0.04 -9.82 -3.35
CA LEU A 89 0.56 -10.20 -4.62
C LEU A 89 1.04 -11.64 -4.66
N MET A 90 1.45 -12.17 -3.51
CA MET A 90 1.97 -13.53 -3.46
C MET A 90 1.41 -14.41 -2.36
N GLY A 91 0.08 -14.47 -2.28
CA GLY A 91 -0.58 -15.32 -1.31
C GLY A 91 -0.49 -15.00 0.17
N GLN A 92 -0.13 -13.76 0.52
CA GLN A 92 -0.03 -13.38 1.91
C GLN A 92 -1.35 -13.50 2.66
N ALA A 93 -2.45 -13.57 1.92
CA ALA A 93 -3.77 -13.69 2.55
C ALA A 93 -4.34 -15.11 2.51
N PHE A 94 -3.56 -16.08 2.05
CA PHE A 94 -4.01 -17.46 1.97
C PHE A 94 -3.78 -18.21 3.29
N ALA A 95 -4.53 -19.28 3.47
CA ALA A 95 -4.41 -20.13 4.65
C ALA A 95 -4.42 -21.54 4.09
N PRO A 96 -3.31 -21.96 3.45
CA PRO A 96 -3.20 -23.30 2.86
C PRO A 96 -3.69 -24.39 3.81
N GLY A 97 -4.76 -25.08 3.41
CA GLY A 97 -5.32 -26.14 4.21
C GLY A 97 -5.78 -25.68 5.57
N GLY A 98 -6.01 -24.37 5.70
CA GLY A 98 -6.44 -23.83 6.96
C GLY A 98 -7.74 -23.06 6.83
N VAL A 99 -7.89 -22.01 7.63
CA VAL A 99 -9.10 -21.21 7.59
C VAL A 99 -8.84 -19.76 7.16
N VAL A 100 -9.54 -19.33 6.12
CA VAL A 100 -9.42 -17.95 5.65
C VAL A 100 -10.62 -17.18 6.18
N VAL A 101 -10.36 -16.13 6.94
CA VAL A 101 -11.45 -15.32 7.47
C VAL A 101 -11.84 -14.27 6.43
N ASN A 102 -13.09 -14.31 5.99
CA ASN A 102 -13.59 -13.36 5.00
C ASN A 102 -14.02 -12.08 5.75
N MET A 103 -13.02 -11.29 6.12
CA MET A 103 -13.21 -10.04 6.87
C MET A 103 -14.38 -9.17 6.40
N ALA A 104 -14.56 -9.08 5.09
CA ALA A 104 -15.62 -8.25 4.53
C ALA A 104 -16.99 -8.59 5.13
N SER A 105 -17.14 -9.80 5.64
CA SER A 105 -18.42 -10.21 6.23
C SER A 105 -18.78 -9.42 7.48
N LEU A 106 -17.77 -8.91 8.18
CA LEU A 106 -17.99 -8.12 9.38
C LEU A 106 -18.78 -6.87 9.06
N GLY A 107 -18.85 -6.51 7.78
CA GLY A 107 -19.57 -5.31 7.38
C GLY A 107 -20.83 -5.52 6.57
N ASP A 108 -21.41 -6.72 6.64
CA ASP A 108 -22.65 -7.00 5.89
C ASP A 108 -23.86 -6.39 6.60
N ALA A 109 -23.85 -6.43 7.92
CA ALA A 109 -24.96 -5.89 8.71
C ALA A 109 -25.11 -4.40 8.48
N ALA A 110 -26.29 -3.99 8.03
CA ALA A 110 -26.55 -2.57 7.77
C ALA A 110 -26.38 -1.75 9.06
N ALA A 111 -26.11 -2.45 10.15
CA ALA A 111 -25.91 -1.81 11.46
C ALA A 111 -25.40 -2.83 12.47
N PRO A 112 -24.60 -2.37 13.45
CA PRO A 112 -24.18 -0.97 13.61
C PRO A 112 -23.15 -0.59 12.55
N PRO A 113 -22.97 0.72 12.32
CA PRO A 113 -21.99 1.16 11.32
C PRO A 113 -20.58 0.65 11.63
N ARG A 114 -19.80 0.44 10.58
CA ARG A 114 -18.43 -0.05 10.74
C ARG A 114 -17.43 1.10 10.65
N ILE A 115 -17.94 2.28 10.30
CA ILE A 115 -17.12 3.49 10.18
C ILE A 115 -17.80 4.63 10.93
N ASN A 116 -17.14 5.17 11.95
CA ASN A 116 -17.72 6.28 12.71
C ASN A 116 -16.74 7.43 12.89
N VAL A 117 -17.08 8.58 12.30
CA VAL A 117 -16.23 9.77 12.44
C VAL A 117 -16.47 10.27 13.87
N SER A 118 -15.40 10.49 14.63
CA SER A 118 -15.54 10.97 16.00
C SER A 118 -16.38 12.23 16.07
N ALA A 119 -16.95 12.49 17.24
CA ALA A 119 -17.78 13.67 17.46
C ALA A 119 -16.94 14.94 17.29
N ASP A 120 -15.71 14.91 17.79
CA ASP A 120 -14.84 16.07 17.69
C ASP A 120 -14.20 16.21 16.31
N GLY A 121 -14.48 15.24 15.43
CA GLY A 121 -13.93 15.28 14.08
C GLY A 121 -12.41 15.16 14.00
N ARG A 122 -11.80 14.60 15.03
CA ARG A 122 -10.35 14.46 15.07
C ARG A 122 -9.89 13.09 14.57
N TYR A 123 -10.83 12.16 14.41
CA TYR A 123 -10.48 10.84 13.94
C TYR A 123 -11.71 10.08 13.44
N VAL A 124 -11.47 8.94 12.79
CA VAL A 124 -12.56 8.12 12.30
C VAL A 124 -12.28 6.68 12.69
N ASP A 125 -13.29 6.04 13.26
CA ASP A 125 -13.16 4.63 13.66
C ASP A 125 -13.61 3.80 12.48
N ALA A 126 -12.80 2.83 12.09
CA ALA A 126 -13.15 1.99 10.96
C ALA A 126 -12.88 0.53 11.25
N GLY A 127 -13.83 -0.32 10.86
CA GLY A 127 -13.64 -1.74 11.04
C GLY A 127 -12.45 -2.13 10.20
N GLY A 128 -11.68 -3.11 10.66
CA GLY A 128 -10.50 -3.56 9.93
C GLY A 128 -10.81 -4.04 8.52
N GLU A 129 -12.03 -4.55 8.32
CA GLU A 129 -12.43 -5.08 7.03
C GLU A 129 -12.87 -4.03 6.03
N GLN A 130 -13.14 -2.82 6.53
CA GLN A 130 -13.59 -1.74 5.68
C GLN A 130 -12.55 -1.30 4.65
N VAL A 131 -13.02 -0.93 3.46
CA VAL A 131 -12.10 -0.48 2.44
C VAL A 131 -11.98 1.03 2.54
N TRP A 132 -10.79 1.52 2.21
CA TRP A 132 -10.52 2.95 2.32
C TRP A 132 -11.46 3.85 1.55
N ILE A 133 -11.93 3.40 0.39
CA ILE A 133 -12.86 4.23 -0.39
C ILE A 133 -14.09 4.54 0.47
N ASP A 134 -14.54 3.55 1.24
CA ASP A 134 -15.71 3.77 2.09
C ASP A 134 -15.35 4.66 3.28
N VAL A 135 -14.15 4.49 3.81
CA VAL A 135 -13.69 5.31 4.93
C VAL A 135 -13.70 6.75 4.43
N LEU A 136 -13.24 6.95 3.20
CA LEU A 136 -13.19 8.28 2.61
C LEU A 136 -14.59 8.89 2.48
N ARG A 137 -15.51 8.13 1.89
CA ARG A 137 -16.88 8.63 1.73
C ARG A 137 -17.55 8.96 3.05
N ALA A 138 -17.36 8.10 4.04
CA ALA A 138 -17.97 8.32 5.36
C ALA A 138 -17.32 9.51 6.06
N SER A 139 -16.06 9.78 5.74
CA SER A 139 -15.34 10.90 6.34
C SER A 139 -15.75 12.20 5.67
N LEU A 140 -15.82 12.18 4.34
CA LEU A 140 -16.21 13.37 3.59
C LEU A 140 -17.61 13.82 3.99
N ALA A 141 -18.45 12.86 4.35
CA ALA A 141 -19.81 13.17 4.77
C ALA A 141 -19.74 14.10 5.97
N ARG A 142 -18.70 13.92 6.78
CA ARG A 142 -18.49 14.73 7.98
C ARG A 142 -17.43 15.83 7.83
N GLY A 143 -17.13 16.19 6.58
CA GLY A 143 -16.17 17.24 6.30
C GLY A 143 -14.73 16.98 6.70
N VAL A 144 -14.37 15.71 6.91
CA VAL A 144 -13.02 15.37 7.28
C VAL A 144 -12.52 14.25 6.38
N ALA A 145 -11.26 13.86 6.56
CA ALA A 145 -10.68 12.79 5.76
C ALA A 145 -9.32 12.39 6.27
N PRO A 146 -8.98 11.10 6.17
CA PRO A 146 -7.66 10.62 6.61
C PRO A 146 -6.62 11.49 5.93
N ARG A 147 -5.42 11.55 6.48
CA ARG A 147 -4.36 12.40 5.93
C ARG A 147 -3.32 11.65 5.12
N SER A 148 -3.27 10.34 5.29
CA SER A 148 -2.30 9.51 4.59
C SER A 148 -3.07 8.42 3.87
N TRP A 149 -2.81 8.28 2.57
CA TRP A 149 -3.53 7.32 1.75
C TRP A 149 -2.65 6.30 1.05
N THR A 150 -3.30 5.55 0.16
CA THR A 150 -2.65 4.58 -0.72
C THR A 150 -3.14 5.12 -2.08
N ASP A 151 -2.43 4.80 -3.16
CA ASP A 151 -2.82 5.27 -4.48
C ASP A 151 -4.13 4.65 -4.98
N TYR A 152 -4.47 3.49 -4.42
CA TYR A 152 -5.66 2.73 -4.78
C TYR A 152 -6.47 2.60 -3.51
N LEU A 153 -7.74 2.99 -3.56
CA LEU A 153 -8.58 2.97 -2.37
C LEU A 153 -9.39 1.71 -2.04
N TYR A 154 -9.39 0.73 -2.92
CA TYR A 154 -10.15 -0.49 -2.65
C TYR A 154 -9.33 -1.54 -1.93
N LEU A 155 -8.77 -1.14 -0.80
CA LEU A 155 -7.94 -1.97 0.06
C LEU A 155 -8.54 -1.83 1.45
N THR A 156 -8.35 -2.81 2.33
CA THR A 156 -8.93 -2.68 3.64
C THR A 156 -8.02 -1.94 4.60
N VAL A 157 -8.62 -1.39 5.64
CA VAL A 157 -7.88 -0.67 6.66
C VAL A 157 -6.88 -1.63 7.29
N GLY A 158 -7.37 -2.79 7.72
CA GLY A 158 -6.51 -3.77 8.34
C GLY A 158 -5.40 -4.26 7.43
N GLY A 159 -5.69 -4.36 6.14
CA GLY A 159 -4.69 -4.82 5.18
C GLY A 159 -3.57 -3.83 4.97
N THR A 160 -3.89 -2.56 4.75
CA THR A 160 -2.83 -1.59 4.54
C THR A 160 -2.07 -1.34 5.85
N LEU A 161 -2.75 -1.40 6.98
CA LEU A 161 -2.08 -1.17 8.26
C LEU A 161 -1.14 -2.31 8.63
N SER A 162 -1.36 -3.49 8.04
CA SER A 162 -0.49 -4.63 8.32
C SER A 162 0.77 -4.52 7.46
N ASN A 163 0.78 -3.57 6.54
CA ASN A 163 1.93 -3.32 5.68
C ASN A 163 2.55 -1.98 6.03
N ALA A 164 1.86 -0.90 5.71
CA ALA A 164 2.30 0.46 6.04
C ALA A 164 1.28 1.44 5.50
N GLY A 165 0.99 1.32 4.20
CA GLY A 165 0.04 2.23 3.59
C GLY A 165 0.75 3.48 3.17
N ILE A 166 1.22 3.51 1.91
CA ILE A 166 1.93 4.68 1.42
C ILE A 166 1.36 5.28 0.14
N SER A 167 1.53 6.60 0.03
CA SER A 167 1.14 7.37 -1.13
C SER A 167 1.93 8.68 -1.06
N GLY A 168 1.57 9.64 -1.93
CA GLY A 168 2.31 10.89 -1.97
C GLY A 168 2.16 11.80 -0.77
N GLN A 169 1.41 11.38 0.24
CA GLN A 169 1.23 12.23 1.42
C GLN A 169 2.15 11.78 2.55
N ALA A 170 2.66 10.55 2.43
CA ALA A 170 3.51 9.98 3.48
C ALA A 170 4.77 10.76 3.83
N PHE A 171 5.29 11.54 2.90
CA PHE A 171 6.49 12.31 3.19
C PHE A 171 6.22 13.33 4.29
N ARG A 172 4.99 13.80 4.39
CA ARG A 172 4.68 14.80 5.40
C ARG A 172 3.76 14.35 6.53
N HIS A 173 3.03 13.24 6.32
CA HIS A 173 2.13 12.74 7.35
C HIS A 173 2.56 11.33 7.74
N GLY A 174 3.53 10.80 7.03
CA GLY A 174 3.99 9.46 7.32
C GLY A 174 3.01 8.47 6.70
N PRO A 175 3.36 7.17 6.71
CA PRO A 175 2.51 6.13 6.14
C PRO A 175 1.24 5.99 7.01
N GLN A 176 0.27 5.23 6.53
CA GLN A 176 -0.98 5.07 7.28
C GLN A 176 -0.74 4.53 8.69
N ILE A 177 0.28 3.70 8.86
CA ILE A 177 0.58 3.16 10.19
C ILE A 177 1.06 4.25 11.17
N SER A 178 1.41 5.43 10.66
CA SER A 178 1.84 6.52 11.54
C SER A 178 0.66 7.43 11.83
N ASN A 179 -0.52 7.06 11.33
CA ASN A 179 -1.71 7.88 11.52
C ASN A 179 -2.85 7.09 12.16
N VAL A 180 -2.49 6.23 13.10
CA VAL A 180 -3.46 5.40 13.82
C VAL A 180 -3.32 5.71 15.31
N LEU A 181 -4.42 6.12 15.94
CA LEU A 181 -4.40 6.45 17.37
C LEU A 181 -4.49 5.21 18.24
N GLU A 182 -5.31 4.24 17.83
CA GLU A 182 -5.45 3.01 18.58
C GLU A 182 -6.17 1.96 17.73
N MET A 183 -6.13 0.72 18.21
CA MET A 183 -6.79 -0.37 17.49
C MET A 183 -7.36 -1.43 18.42
N ASP A 184 -8.32 -2.18 17.90
CA ASP A 184 -8.88 -3.31 18.61
C ASP A 184 -8.25 -4.47 17.86
N VAL A 185 -7.57 -5.33 18.59
CA VAL A 185 -6.92 -6.47 17.98
C VAL A 185 -7.29 -7.74 18.73
N ILE A 186 -7.45 -8.83 17.99
CA ILE A 186 -7.75 -10.12 18.61
C ILE A 186 -6.48 -10.93 18.34
N THR A 187 -5.70 -11.16 19.39
CA THR A 187 -4.45 -11.89 19.27
C THR A 187 -4.62 -13.37 18.93
N GLY A 188 -3.51 -14.01 18.61
CA GLY A 188 -3.54 -15.43 18.29
C GLY A 188 -4.03 -16.27 19.47
N HIS A 189 -4.17 -15.63 20.63
CA HIS A 189 -4.64 -16.32 21.83
C HIS A 189 -6.17 -16.24 21.89
N GLY A 190 -6.75 -15.43 21.01
CA GLY A 190 -8.19 -15.27 20.96
C GLY A 190 -8.66 -14.18 21.89
N GLU A 191 -7.72 -13.36 22.36
CA GLU A 191 -8.06 -12.27 23.27
C GLU A 191 -8.30 -10.93 22.59
N MET A 192 -9.39 -10.29 22.98
CA MET A 192 -9.76 -8.98 22.45
C MET A 192 -8.93 -7.96 23.22
N VAL A 193 -8.10 -7.21 22.52
CA VAL A 193 -7.25 -6.21 23.18
C VAL A 193 -7.24 -4.89 22.44
N THR A 194 -7.52 -3.81 23.18
CA THR A 194 -7.47 -2.48 22.59
C THR A 194 -6.07 -1.97 22.86
N CYS A 195 -5.40 -1.45 21.84
CA CYS A 195 -4.03 -0.97 22.02
C CYS A 195 -3.75 0.39 21.41
N SER A 196 -2.69 1.02 21.89
CA SER A 196 -2.26 2.33 21.43
C SER A 196 -0.86 2.57 21.99
N LYS A 197 -0.35 3.78 21.83
CA LYS A 197 0.97 4.11 22.34
C LYS A 197 0.98 4.12 23.87
N GLN A 198 -0.20 4.23 24.47
CA GLN A 198 -0.33 4.26 25.92
C GLN A 198 -0.78 2.94 26.51
N LEU A 199 -1.64 2.22 25.79
CA LEU A 199 -2.16 0.95 26.27
C LEU A 199 -1.77 -0.24 25.40
N ASN A 200 -1.01 -1.16 25.99
CA ASN A 200 -0.57 -2.36 25.28
C ASN A 200 0.26 -1.98 24.05
N ALA A 201 1.04 -0.92 24.18
CA ALA A 201 1.88 -0.42 23.11
C ALA A 201 2.66 -1.52 22.40
N ASP A 202 3.03 -2.55 23.14
CA ASP A 202 3.79 -3.67 22.57
C ASP A 202 3.03 -4.34 21.43
N LEU A 203 1.71 -4.47 21.58
CA LEU A 203 0.87 -5.09 20.55
C LEU A 203 0.62 -4.08 19.44
N PHE A 204 0.34 -2.85 19.83
CA PHE A 204 0.08 -1.75 18.91
C PHE A 204 1.20 -1.65 17.88
N ASP A 205 2.44 -1.57 18.37
CA ASP A 205 3.60 -1.46 17.49
C ASP A 205 3.82 -2.68 16.61
N ALA A 206 3.64 -3.87 17.20
CA ALA A 206 3.84 -5.12 16.48
C ALA A 206 2.90 -5.28 15.30
N VAL A 207 1.62 -4.97 15.51
CA VAL A 207 0.59 -5.11 14.48
C VAL A 207 0.73 -4.15 13.30
N LEU A 208 1.11 -2.91 13.59
CA LEU A 208 1.29 -1.93 12.52
C LEU A 208 2.52 -2.34 11.71
N GLY A 209 2.29 -2.72 10.46
CA GLY A 209 3.36 -3.18 9.61
C GLY A 209 3.67 -4.61 9.99
N GLY A 210 2.80 -5.17 10.84
CA GLY A 210 2.96 -6.52 11.35
C GLY A 210 2.61 -7.67 10.42
N LEU A 211 2.14 -7.36 9.21
CA LEU A 211 1.81 -8.40 8.25
C LEU A 211 0.86 -9.48 8.76
N GLY A 212 -0.12 -9.07 9.58
CA GLY A 212 -1.10 -9.99 10.15
C GLY A 212 -0.56 -11.17 10.92
N GLN A 213 0.60 -11.01 11.54
CA GLN A 213 1.23 -12.09 12.30
C GLN A 213 0.87 -12.18 13.78
N PHE A 214 0.38 -11.10 14.35
CA PHE A 214 0.08 -11.09 15.78
C PHE A 214 -1.39 -11.14 16.16
N GLY A 215 -2.25 -10.83 15.21
CA GLY A 215 -3.67 -10.85 15.49
C GLY A 215 -4.42 -10.14 14.41
N VAL A 216 -5.74 -10.13 14.52
CA VAL A 216 -6.56 -9.48 13.53
C VAL A 216 -7.03 -8.12 14.02
N ILE A 217 -6.95 -7.13 13.13
CA ILE A 217 -7.38 -5.77 13.44
C ILE A 217 -8.87 -5.67 13.12
N THR A 218 -9.68 -5.43 14.15
CA THR A 218 -11.13 -5.33 13.95
C THR A 218 -11.56 -3.88 13.92
N ARG A 219 -10.72 -3.01 14.46
CA ARG A 219 -11.00 -1.59 14.49
C ARG A 219 -9.72 -0.78 14.56
N ALA A 220 -9.64 0.26 13.75
CA ALA A 220 -8.48 1.14 13.74
C ALA A 220 -8.97 2.56 13.85
N ARG A 221 -8.40 3.31 14.79
CA ARG A 221 -8.77 4.71 15.00
C ARG A 221 -7.83 5.51 14.09
N ILE A 222 -8.37 6.02 13.00
CA ILE A 222 -7.58 6.76 12.02
C ILE A 222 -7.64 8.28 12.12
N ALA A 223 -6.47 8.90 12.16
CA ALA A 223 -6.37 10.35 12.25
C ALA A 223 -6.98 10.99 11.01
N VAL A 224 -7.67 12.11 11.19
CA VAL A 224 -8.25 12.81 10.06
C VAL A 224 -7.93 14.28 10.14
N GLU A 225 -8.15 14.98 9.04
CA GLU A 225 -7.89 16.41 8.98
C GLU A 225 -9.08 16.99 8.22
N PRO A 226 -9.30 18.31 8.32
CA PRO A 226 -10.44 18.87 7.60
C PRO A 226 -10.27 18.51 6.11
N ALA A 227 -11.35 18.03 5.50
CA ALA A 227 -11.29 17.63 4.10
C ALA A 227 -11.24 18.78 3.11
N PRO A 228 -10.19 18.83 2.28
CA PRO A 228 -10.09 19.90 1.29
C PRO A 228 -11.13 19.62 0.23
N ALA A 229 -11.57 20.66 -0.47
CA ALA A 229 -12.58 20.49 -1.50
C ALA A 229 -11.99 20.03 -2.82
N ARG A 230 -10.89 20.67 -3.22
CA ARG A 230 -10.27 20.33 -4.49
C ARG A 230 -8.77 20.13 -4.37
N ALA A 231 -8.17 19.69 -5.46
CA ALA A 231 -6.74 19.46 -5.52
C ALA A 231 -6.22 20.01 -6.83
N ARG A 232 -5.25 20.93 -6.76
CA ARG A 232 -4.63 21.46 -7.97
C ARG A 232 -3.64 20.33 -8.24
N TRP A 233 -3.79 19.71 -9.40
CA TRP A 233 -3.00 18.55 -9.78
C TRP A 233 -2.00 18.89 -10.88
N VAL A 234 -0.72 18.70 -10.59
CA VAL A 234 0.31 19.04 -11.56
C VAL A 234 1.34 17.95 -11.86
N ARG A 235 1.80 17.95 -13.11
CA ARG A 235 2.85 17.04 -13.54
C ARG A 235 3.94 17.88 -14.16
N LEU A 236 5.17 17.63 -13.74
CA LEU A 236 6.34 18.36 -14.24
C LEU A 236 7.21 17.34 -14.93
N VAL A 237 7.73 17.69 -16.11
CA VAL A 237 8.54 16.75 -16.86
C VAL A 237 10.03 17.06 -16.86
N TYR A 238 10.83 16.00 -16.75
CA TYR A 238 12.28 16.07 -16.71
C TYR A 238 12.87 14.99 -17.59
N THR A 239 14.10 15.21 -18.06
CA THR A 239 14.81 14.20 -18.83
C THR A 239 16.07 13.87 -18.01
N ASP A 240 16.33 14.70 -17.01
CA ASP A 240 17.49 14.58 -16.12
C ASP A 240 17.07 14.00 -14.77
N PHE A 241 17.47 12.78 -14.47
CA PHE A 241 17.10 12.16 -13.20
C PHE A 241 17.61 12.97 -12.02
N ALA A 242 18.81 13.50 -12.15
CA ALA A 242 19.41 14.30 -11.08
C ALA A 242 18.50 15.47 -10.71
N ALA A 243 17.98 16.17 -11.71
CA ALA A 243 17.09 17.31 -11.46
C ALA A 243 15.74 16.82 -10.92
N PHE A 244 15.28 15.69 -11.45
CA PHE A 244 14.02 15.11 -11.04
C PHE A 244 14.03 14.74 -9.55
N SER A 245 15.03 13.97 -9.14
CA SER A 245 15.12 13.55 -7.74
C SER A 245 15.41 14.74 -6.82
N ALA A 246 16.24 15.66 -7.29
CA ALA A 246 16.58 16.84 -6.50
C ALA A 246 15.31 17.63 -6.21
N ASP A 247 14.45 17.77 -7.22
CA ASP A 247 13.22 18.51 -7.03
C ASP A 247 12.20 17.79 -6.16
N GLN A 248 12.12 16.47 -6.29
CA GLN A 248 11.19 15.70 -5.46
C GLN A 248 11.61 15.84 -4.01
N GLU A 249 12.92 15.83 -3.79
CA GLU A 249 13.47 15.98 -2.45
C GLU A 249 13.24 17.41 -1.94
N ARG A 250 13.38 18.39 -2.82
CA ARG A 250 13.17 19.79 -2.43
C ARG A 250 11.70 19.99 -2.02
N LEU A 251 10.79 19.38 -2.78
CA LEU A 251 9.37 19.50 -2.51
C LEU A 251 8.94 18.76 -1.25
N THR A 252 9.69 17.73 -0.85
CA THR A 252 9.30 16.95 0.32
C THR A 252 10.22 17.14 1.51
N ALA A 253 11.18 18.05 1.38
CA ALA A 253 12.12 18.30 2.46
C ALA A 253 11.50 19.09 3.58
N PRO A 254 11.86 18.76 4.83
CA PRO A 254 11.35 19.43 6.02
C PRO A 254 11.88 20.86 6.03
N ARG A 255 11.04 21.81 6.43
CA ARG A 255 11.44 23.21 6.48
C ARG A 255 11.86 23.59 7.90
N SER A 262 7.39 20.71 9.83
CA SER A 262 7.07 21.73 8.83
C SER A 262 7.51 21.30 7.43
N PHE A 263 6.60 21.38 6.47
CA PHE A 263 6.90 21.00 5.10
C PHE A 263 6.41 22.03 4.09
N GLY A 264 6.83 21.85 2.84
CA GLY A 264 6.43 22.75 1.77
C GLY A 264 4.93 22.75 1.62
N PRO A 265 4.38 23.44 0.61
CA PRO A 265 2.94 23.49 0.38
C PRO A 265 2.31 22.27 -0.28
N MET A 266 3.11 21.49 -1.00
CA MET A 266 2.58 20.31 -1.69
C MET A 266 1.92 19.32 -0.74
N SER A 267 0.73 18.88 -1.11
CA SER A 267 -0.04 17.93 -0.30
C SER A 267 0.31 16.49 -0.66
N TYR A 268 0.83 16.34 -1.87
CA TYR A 268 1.15 15.03 -2.39
C TYR A 268 2.26 15.17 -3.40
N VAL A 269 3.24 14.28 -3.30
CA VAL A 269 4.36 14.29 -4.22
C VAL A 269 4.72 12.85 -4.55
N GLU A 270 4.62 12.52 -5.83
CA GLU A 270 5.02 11.21 -6.31
C GLU A 270 5.80 11.50 -7.57
N GLY A 271 6.17 10.45 -8.28
CA GLY A 271 6.93 10.62 -9.51
C GLY A 271 6.73 9.39 -10.35
N SER A 272 7.00 9.52 -11.64
CA SER A 272 6.85 8.42 -12.58
C SER A 272 8.06 8.37 -13.48
N VAL A 273 8.38 7.17 -13.93
CA VAL A 273 9.49 6.96 -14.84
C VAL A 273 8.89 6.38 -16.11
N PHE A 274 9.28 6.94 -17.25
CA PHE A 274 8.79 6.48 -18.53
C PHE A 274 10.00 6.07 -19.35
N VAL A 275 10.07 4.79 -19.68
CA VAL A 275 11.18 4.33 -20.49
C VAL A 275 10.88 4.74 -21.93
N ASN A 276 11.91 5.15 -22.64
CA ASN A 276 11.76 5.61 -24.01
C ASN A 276 11.01 4.68 -24.96
N GLN A 277 11.30 3.39 -24.91
CA GLN A 277 10.66 2.43 -25.82
C GLN A 277 9.13 2.50 -25.88
N SER A 278 8.48 2.83 -24.78
CA SER A 278 7.03 2.92 -24.77
C SER A 278 6.58 4.27 -24.23
N LEU A 279 7.42 5.28 -24.44
CA LEU A 279 7.13 6.62 -23.94
C LEU A 279 5.74 7.16 -24.29
N ALA A 280 5.45 7.28 -25.58
CA ALA A 280 4.16 7.81 -25.99
C ALA A 280 2.98 7.04 -25.39
N THR A 281 3.05 5.73 -25.43
CA THR A 281 1.98 4.90 -24.88
C THR A 281 1.82 5.10 -23.39
N ASP A 282 2.91 5.03 -22.64
CA ASP A 282 2.81 5.20 -21.19
C ASP A 282 2.37 6.60 -20.80
N LEU A 283 2.86 7.61 -21.51
CA LEU A 283 2.45 8.98 -21.20
C LEU A 283 0.94 9.08 -21.42
N ALA A 284 0.46 8.49 -22.51
CA ALA A 284 -0.97 8.54 -22.80
C ALA A 284 -1.75 7.77 -21.75
N ASN A 285 -1.23 6.63 -21.32
CA ASN A 285 -1.92 5.82 -20.32
C ASN A 285 -1.99 6.46 -18.93
N THR A 286 -1.30 7.59 -18.73
CA THR A 286 -1.34 8.25 -17.43
C THR A 286 -2.72 8.75 -17.15
N GLY A 287 -3.47 9.03 -18.21
CA GLY A 287 -4.81 9.55 -18.06
C GLY A 287 -4.72 11.02 -17.68
N PHE A 288 -3.50 11.52 -17.62
CA PHE A 288 -3.26 12.91 -17.24
C PHE A 288 -2.95 13.81 -18.43
N PHE A 289 -2.03 13.35 -19.28
CA PHE A 289 -1.60 14.10 -20.44
C PHE A 289 -2.53 13.98 -21.63
N THR A 290 -2.64 15.09 -22.38
CA THR A 290 -3.45 15.09 -23.59
C THR A 290 -2.52 14.60 -24.69
N ASP A 291 -3.07 14.27 -25.85
CA ASP A 291 -2.23 13.80 -26.94
C ASP A 291 -1.27 14.90 -27.36
N ALA A 292 -1.68 16.15 -27.17
CA ALA A 292 -0.83 17.28 -27.53
C ALA A 292 0.35 17.34 -26.54
N ASP A 293 0.08 17.06 -25.27
CA ASP A 293 1.13 17.07 -24.25
C ASP A 293 2.11 15.93 -24.54
N VAL A 294 1.54 14.77 -24.89
CA VAL A 294 2.34 13.60 -25.20
C VAL A 294 3.32 13.90 -26.33
N ALA A 295 2.80 14.47 -27.42
CA ALA A 295 3.63 14.81 -28.56
C ALA A 295 4.79 15.72 -28.15
N ARG A 296 4.50 16.71 -27.32
CA ARG A 296 5.54 17.64 -26.85
C ARG A 296 6.60 16.91 -26.02
N ILE A 297 6.17 16.00 -25.17
CA ILE A 297 7.11 15.27 -24.33
C ILE A 297 7.93 14.28 -25.16
N VAL A 298 7.30 13.61 -26.11
CA VAL A 298 8.04 12.69 -26.95
C VAL A 298 9.10 13.47 -27.74
N ALA A 299 8.74 14.66 -28.22
CA ALA A 299 9.69 15.48 -28.98
C ALA A 299 10.85 15.91 -28.06
N LEU A 300 10.53 16.34 -26.86
CA LEU A 300 11.53 16.75 -25.88
C LEU A 300 12.53 15.61 -25.67
N ALA A 301 12.01 14.41 -25.43
CA ALA A 301 12.82 13.22 -25.21
C ALA A 301 13.81 13.03 -26.35
N GLY A 302 13.32 13.12 -27.58
CA GLY A 302 14.17 12.97 -28.75
C GLY A 302 15.24 14.03 -28.83
N GLU A 303 14.87 15.27 -28.50
CA GLU A 303 15.81 16.39 -28.52
C GLU A 303 16.96 16.16 -27.54
N ARG A 304 16.63 15.68 -26.35
CA ARG A 304 17.65 15.44 -25.34
C ARG A 304 18.25 14.06 -25.52
N ASN A 305 17.71 13.29 -26.45
CA ASN A 305 18.18 11.93 -26.70
C ASN A 305 18.08 11.13 -25.40
N ALA A 306 16.96 11.28 -24.72
CA ALA A 306 16.73 10.61 -23.44
C ALA A 306 16.18 9.19 -23.60
N THR A 307 16.70 8.26 -22.81
CA THR A 307 16.23 6.89 -22.85
C THR A 307 15.16 6.74 -21.79
N THR A 308 15.02 7.78 -20.96
CA THR A 308 14.03 7.79 -19.90
C THR A 308 13.55 9.21 -19.68
N VAL A 309 12.28 9.34 -19.33
CA VAL A 309 11.67 10.63 -19.04
C VAL A 309 11.09 10.48 -17.64
N TYR A 310 11.15 11.54 -16.86
CA TYR A 310 10.65 11.49 -15.49
C TYR A 310 9.58 12.55 -15.31
N SER A 311 8.61 12.25 -14.48
CA SER A 311 7.56 13.22 -14.23
C SER A 311 7.23 13.28 -12.76
N ILE A 312 7.28 14.48 -12.20
CA ILE A 312 6.88 14.65 -10.81
C ILE A 312 5.38 14.86 -10.87
N GLU A 313 4.66 14.23 -9.96
CA GLU A 313 3.23 14.41 -9.87
C GLU A 313 3.00 14.98 -8.50
N ALA A 314 2.38 16.15 -8.44
CA ALA A 314 2.14 16.78 -7.15
C ALA A 314 0.79 17.46 -7.10
N THR A 315 0.27 17.63 -5.89
CA THR A 315 -1.00 18.28 -5.72
C THR A 315 -0.92 19.31 -4.61
N LEU A 316 -1.86 20.25 -4.68
CA LEU A 316 -1.99 21.31 -3.69
C LEU A 316 -3.46 21.24 -3.34
N ASN A 317 -3.77 20.78 -2.14
CA ASN A 317 -5.15 20.69 -1.71
C ASN A 317 -5.63 22.08 -1.31
N TYR A 318 -6.91 22.35 -1.52
CA TYR A 318 -7.46 23.64 -1.14
C TYR A 318 -8.99 23.57 -1.09
N ASP A 319 -9.60 24.50 -0.36
CA ASP A 319 -11.05 24.51 -0.23
C ASP A 319 -11.73 25.46 -1.22
N ASN A 320 -13.06 25.48 -1.18
CA ASN A 320 -13.86 26.31 -2.08
C ASN A 320 -13.82 27.82 -1.86
N ALA A 321 -13.06 28.28 -0.87
CA ALA A 321 -12.97 29.72 -0.60
C ALA A 321 -12.96 30.51 -1.91
N THR A 322 -13.60 31.68 -1.91
CA THR A 322 -13.68 32.52 -3.10
C THR A 322 -12.32 32.91 -3.69
N ALA A 323 -11.34 33.12 -2.82
CA ALA A 323 -10.01 33.51 -3.28
C ALA A 323 -9.10 32.29 -3.48
N ALA A 324 -9.58 31.13 -3.06
CA ALA A 324 -8.82 29.88 -3.17
C ALA A 324 -8.10 29.71 -4.49
N ALA A 325 -8.85 29.71 -5.59
CA ALA A 325 -8.27 29.54 -6.92
C ALA A 325 -7.07 30.45 -7.18
N ALA A 326 -7.25 31.75 -6.98
CA ALA A 326 -6.18 32.71 -7.21
C ALA A 326 -5.00 32.48 -6.27
N ALA A 327 -5.29 32.12 -5.02
CA ALA A 327 -4.24 31.86 -4.05
C ALA A 327 -3.44 30.63 -4.47
N VAL A 328 -4.15 29.63 -4.99
CA VAL A 328 -3.52 28.40 -5.44
C VAL A 328 -2.55 28.71 -6.59
N ASP A 329 -3.00 29.49 -7.55
CA ASP A 329 -2.15 29.85 -8.69
C ASP A 329 -0.84 30.47 -8.21
N GLN A 330 -0.95 31.40 -7.27
CA GLN A 330 0.23 32.07 -6.73
C GLN A 330 1.14 31.12 -5.97
N GLU A 331 0.55 30.30 -5.11
CA GLU A 331 1.32 29.34 -4.34
C GLU A 331 2.05 28.40 -5.30
N LEU A 332 1.31 27.89 -6.28
CA LEU A 332 1.87 26.97 -7.27
C LEU A 332 2.96 27.66 -8.09
N ALA A 333 2.68 28.88 -8.56
CA ALA A 333 3.65 29.62 -9.34
C ALA A 333 4.93 29.80 -8.53
N SER A 334 4.77 30.07 -7.24
CA SER A 334 5.89 30.25 -6.34
C SER A 334 6.71 28.97 -6.21
N VAL A 335 6.04 27.86 -5.93
CA VAL A 335 6.72 26.58 -5.77
C VAL A 335 7.43 26.15 -7.05
N LEU A 336 6.72 26.21 -8.18
CA LEU A 336 7.30 25.83 -9.45
C LEU A 336 8.55 26.64 -9.77
N GLY A 337 8.57 27.88 -9.27
CA GLY A 337 9.72 28.73 -9.53
C GLY A 337 10.99 28.23 -8.85
N THR A 338 10.83 27.36 -7.86
CA THR A 338 11.97 26.82 -7.13
C THR A 338 12.47 25.54 -7.79
N LEU A 339 11.74 25.06 -8.79
CA LEU A 339 12.08 23.81 -9.46
C LEU A 339 12.87 23.96 -10.75
N SER A 340 13.31 22.82 -11.28
CA SER A 340 14.12 22.79 -12.49
C SER A 340 13.60 21.87 -13.60
N TYR A 341 12.28 21.67 -13.67
CA TYR A 341 11.71 20.84 -14.72
C TYR A 341 11.97 21.57 -16.04
N VAL A 342 11.84 20.87 -17.16
CA VAL A 342 12.11 21.50 -18.43
C VAL A 342 11.17 22.68 -18.66
N GLU A 343 11.76 23.81 -19.02
CA GLU A 343 11.00 25.03 -19.25
C GLU A 343 9.74 24.75 -20.05
N GLY A 344 8.60 25.18 -19.51
CA GLY A 344 7.34 24.99 -20.21
C GLY A 344 6.73 23.62 -20.11
N PHE A 345 7.31 22.75 -19.31
CA PHE A 345 6.74 21.41 -19.18
C PHE A 345 6.10 21.18 -17.82
N ALA A 346 5.17 22.08 -17.49
CA ALA A 346 4.40 21.99 -16.26
C ALA A 346 2.99 21.81 -16.80
N PHE A 347 2.29 20.80 -16.31
CA PHE A 347 0.94 20.50 -16.77
C PHE A 347 0.01 20.48 -15.57
N GLN A 348 -1.09 21.24 -15.65
CA GLN A 348 -2.02 21.33 -14.55
C GLN A 348 -3.43 20.84 -14.84
N ARG A 349 -4.06 20.33 -13.80
CA ARG A 349 -5.42 19.85 -13.83
C ARG A 349 -5.96 20.31 -12.48
N ASP A 350 -7.27 20.43 -12.38
CA ASP A 350 -7.87 20.86 -11.12
C ASP A 350 -9.11 20.00 -10.93
N VAL A 351 -9.14 19.20 -9.88
CA VAL A 351 -10.27 18.31 -9.66
C VAL A 351 -10.74 18.32 -8.22
N ALA A 352 -11.87 17.66 -7.98
CA ALA A 352 -12.41 17.55 -6.63
C ALA A 352 -11.46 16.61 -5.89
N TYR A 353 -11.26 16.87 -4.60
CA TYR A 353 -10.36 16.05 -3.80
C TYR A 353 -10.64 14.55 -3.91
N ALA A 354 -11.89 14.15 -3.71
CA ALA A 354 -12.26 12.74 -3.79
C ALA A 354 -11.94 12.15 -5.16
N ALA A 355 -12.12 12.94 -6.22
CA ALA A 355 -11.85 12.48 -7.58
C ALA A 355 -10.36 12.15 -7.71
N PHE A 356 -9.51 12.99 -7.11
CA PHE A 356 -8.08 12.74 -7.16
C PHE A 356 -7.76 11.45 -6.41
N LEU A 357 -8.21 11.37 -5.17
CA LEU A 357 -7.94 10.21 -4.34
C LEU A 357 -8.36 8.88 -4.97
N ASP A 358 -9.48 8.87 -5.67
CA ASP A 358 -10.00 7.66 -6.31
C ASP A 358 -9.69 7.64 -7.81
N ARG A 359 -8.67 8.38 -8.19
CA ARG A 359 -8.25 8.49 -9.60
C ARG A 359 -7.93 7.15 -10.28
N VAL A 360 -7.46 6.17 -9.50
CA VAL A 360 -7.11 4.87 -10.06
C VAL A 360 -8.29 3.95 -10.33
N HIS A 361 -9.39 4.14 -9.61
CA HIS A 361 -10.57 3.31 -9.81
C HIS A 361 -10.96 3.24 -11.29
N GLY A 362 -10.98 4.40 -11.93
CA GLY A 362 -11.33 4.46 -13.34
C GLY A 362 -10.43 3.60 -14.19
N GLU A 363 -9.15 3.52 -13.81
CA GLU A 363 -8.19 2.71 -14.54
C GLU A 363 -8.50 1.23 -14.39
N GLU A 364 -8.90 0.83 -13.18
CA GLU A 364 -9.24 -0.56 -12.92
C GLU A 364 -10.42 -1.03 -13.78
N VAL A 365 -11.51 -0.27 -13.72
CA VAL A 365 -12.70 -0.61 -14.47
C VAL A 365 -12.35 -0.83 -15.95
N ALA A 366 -11.70 0.15 -16.54
CA ALA A 366 -11.30 0.07 -17.95
C ALA A 366 -10.48 -1.20 -18.20
N LEU A 367 -9.39 -1.36 -17.46
CA LEU A 367 -8.54 -2.52 -17.60
C LEU A 367 -9.27 -3.84 -17.41
N ASN A 368 -10.20 -3.89 -16.47
CA ASN A 368 -10.93 -5.12 -16.20
C ASN A 368 -11.87 -5.54 -17.32
N LYS A 369 -12.61 -4.57 -17.86
CA LYS A 369 -13.55 -4.88 -18.93
C LYS A 369 -12.74 -5.28 -20.16
N LEU A 370 -11.53 -4.76 -20.23
CA LEU A 370 -10.61 -5.05 -21.33
C LEU A 370 -9.93 -6.38 -21.06
N GLY A 371 -10.20 -6.96 -19.89
CA GLY A 371 -9.61 -8.24 -19.51
C GLY A 371 -8.14 -8.10 -19.14
N LEU A 372 -7.74 -6.88 -18.79
CA LEU A 372 -6.34 -6.60 -18.43
C LEU A 372 -6.12 -6.28 -16.96
N TRP A 373 -7.10 -6.61 -16.11
CA TRP A 373 -6.98 -6.36 -14.68
C TRP A 373 -6.73 -7.69 -13.96
N ARG A 374 -7.53 -8.69 -14.28
CA ARG A 374 -7.38 -10.00 -13.68
C ARG A 374 -6.31 -10.79 -14.42
N VAL A 375 -5.07 -10.30 -14.33
CA VAL A 375 -3.93 -10.93 -14.98
C VAL A 375 -2.81 -10.97 -13.93
N PRO A 376 -1.70 -11.67 -14.21
CA PRO A 376 -0.62 -11.74 -13.23
C PRO A 376 0.01 -10.37 -12.96
N HIS A 377 0.31 -10.09 -11.71
CA HIS A 377 0.93 -8.83 -11.36
C HIS A 377 2.23 -9.06 -10.64
N PRO A 378 3.33 -9.23 -11.40
CA PRO A 378 4.65 -9.44 -10.81
C PRO A 378 5.19 -8.06 -10.41
N TRP A 379 4.48 -7.41 -9.51
CA TRP A 379 4.87 -6.09 -9.05
C TRP A 379 6.11 -6.12 -8.17
N LEU A 380 6.95 -5.11 -8.31
CA LEU A 380 8.15 -5.01 -7.50
C LEU A 380 8.04 -3.71 -6.70
N ASN A 381 7.86 -3.86 -5.39
CA ASN A 381 7.72 -2.68 -4.55
C ASN A 381 8.86 -2.68 -3.55
N MET A 382 9.60 -1.58 -3.48
CA MET A 382 10.73 -1.53 -2.57
C MET A 382 11.07 -0.13 -2.09
N PHE A 383 11.90 -0.06 -1.05
CA PHE A 383 12.36 1.20 -0.52
C PHE A 383 13.85 1.25 -0.79
N VAL A 384 14.28 2.31 -1.47
CA VAL A 384 15.68 2.47 -1.83
C VAL A 384 16.23 3.71 -1.14
N PRO A 385 17.33 3.57 -0.40
CA PRO A 385 17.88 4.77 0.26
C PRO A 385 18.27 5.86 -0.75
N ARG A 386 18.02 7.09 -0.38
CA ARG A 386 18.31 8.21 -1.25
C ARG A 386 19.72 8.21 -1.82
N SER A 387 20.71 7.87 -0.99
CA SER A 387 22.09 7.87 -1.42
C SER A 387 22.36 6.94 -2.59
N ARG A 388 21.44 6.00 -2.85
CA ARG A 388 21.63 5.07 -3.95
C ARG A 388 20.55 5.12 -5.03
N ILE A 389 19.65 6.09 -4.95
CA ILE A 389 18.58 6.18 -5.93
C ILE A 389 19.12 6.46 -7.33
N ALA A 390 20.16 7.30 -7.44
CA ALA A 390 20.76 7.59 -8.74
C ALA A 390 21.36 6.31 -9.33
N ASP A 391 21.97 5.49 -8.48
CA ASP A 391 22.54 4.23 -8.94
C ASP A 391 21.41 3.30 -9.37
N PHE A 392 20.32 3.31 -8.62
CA PHE A 392 19.17 2.47 -8.97
C PHE A 392 18.64 2.91 -10.34
N ASP A 393 18.55 4.22 -10.52
CA ASP A 393 18.07 4.79 -11.80
C ASP A 393 18.93 4.30 -12.97
N ARG A 394 20.24 4.39 -12.80
CA ARG A 394 21.16 3.95 -13.85
C ARG A 394 21.10 2.45 -14.14
N GLY A 395 21.05 1.65 -13.09
CA GLY A 395 21.03 0.23 -13.29
C GLY A 395 19.68 -0.36 -13.65
N VAL A 396 18.60 0.30 -13.22
CA VAL A 396 17.27 -0.22 -13.49
C VAL A 396 16.52 0.53 -14.59
N PHE A 397 16.22 1.80 -14.39
CA PHE A 397 15.48 2.56 -15.40
C PHE A 397 16.23 2.78 -16.69
N LYS A 398 17.52 3.05 -16.58
CA LYS A 398 18.37 3.28 -17.75
C LYS A 398 19.12 2.01 -18.11
N GLY A 399 18.91 0.95 -17.34
CA GLY A 399 19.60 -0.30 -17.61
C GLY A 399 18.71 -1.49 -17.88
N ILE A 400 18.44 -2.26 -16.83
CA ILE A 400 17.62 -3.46 -16.91
C ILE A 400 16.30 -3.31 -17.66
N LEU A 401 15.58 -2.22 -17.41
CA LEU A 401 14.28 -2.01 -18.05
C LEU A 401 14.33 -1.50 -19.48
N GLN A 402 15.51 -1.08 -19.92
CA GLN A 402 15.66 -0.59 -21.29
C GLN A 402 15.50 -1.75 -22.26
N GLY A 403 14.90 -1.47 -23.41
CA GLY A 403 14.72 -2.51 -24.41
C GLY A 403 13.54 -3.42 -24.14
N THR A 404 12.60 -2.95 -23.32
CA THR A 404 11.41 -3.73 -23.00
C THR A 404 10.17 -2.88 -23.16
N ASP A 405 9.03 -3.52 -23.42
CA ASP A 405 7.78 -2.81 -23.54
C ASP A 405 7.17 -2.85 -22.15
N ILE A 406 6.99 -1.68 -21.56
CA ILE A 406 6.45 -1.63 -20.23
C ILE A 406 4.98 -1.28 -20.19
N VAL A 407 4.22 -2.15 -19.55
CA VAL A 407 2.79 -1.98 -19.38
C VAL A 407 2.63 -1.86 -17.88
N GLY A 408 2.22 -0.69 -17.42
CA GLY A 408 2.07 -0.49 -15.99
C GLY A 408 2.95 0.67 -15.58
N PRO A 409 2.53 1.44 -14.57
CA PRO A 409 3.36 2.56 -14.16
C PRO A 409 4.62 2.19 -13.39
N LEU A 410 5.63 3.06 -13.45
CA LEU A 410 6.88 2.87 -12.71
C LEU A 410 6.87 4.12 -11.84
N ILE A 411 6.59 3.91 -10.57
CA ILE A 411 6.45 4.99 -9.60
C ILE A 411 7.67 5.11 -8.71
N VAL A 412 8.14 6.34 -8.52
CA VAL A 412 9.32 6.62 -7.71
C VAL A 412 9.14 7.95 -6.99
N TYR A 413 9.27 7.94 -5.67
CA TYR A 413 9.16 9.18 -4.91
C TYR A 413 9.80 9.04 -3.55
N PRO A 414 10.34 10.14 -3.04
CA PRO A 414 11.00 10.16 -1.73
C PRO A 414 10.07 10.14 -0.53
N LEU A 415 10.57 9.58 0.56
CA LEU A 415 9.84 9.51 1.81
C LEU A 415 10.81 9.95 2.90
N ASN A 416 10.27 10.51 3.99
CA ASN A 416 11.08 10.97 5.11
C ASN A 416 10.99 9.95 6.25
N LYS A 417 12.13 9.40 6.64
CA LYS A 417 12.19 8.40 7.70
C LYS A 417 11.68 8.94 9.03
N SER A 418 11.78 10.26 9.22
CA SER A 418 11.33 10.90 10.44
C SER A 418 9.86 10.62 10.71
N MET A 419 9.10 10.38 9.65
CA MET A 419 7.67 10.11 9.77
C MET A 419 7.35 8.64 9.96
N TRP A 420 8.39 7.81 10.07
CA TRP A 420 8.21 6.38 10.27
C TRP A 420 8.69 5.99 11.66
N ASP A 421 7.88 5.20 12.36
CA ASP A 421 8.22 4.75 13.71
C ASP A 421 8.94 3.40 13.63
N ASP A 422 10.26 3.42 13.79
CA ASP A 422 11.02 2.17 13.71
C ASP A 422 10.61 1.18 14.79
N GLY A 423 9.88 1.64 15.79
CA GLY A 423 9.44 0.75 16.85
C GLY A 423 8.36 -0.20 16.36
N MET A 424 7.65 0.22 15.30
CA MET A 424 6.62 -0.62 14.71
C MET A 424 7.28 -1.73 13.91
N SER A 425 6.47 -2.66 13.39
CA SER A 425 7.00 -3.78 12.64
C SER A 425 7.51 -3.45 11.24
N ALA A 426 6.95 -2.43 10.60
CA ALA A 426 7.37 -2.08 9.25
C ALA A 426 8.85 -1.74 9.18
N ALA A 427 9.53 -2.32 8.21
CA ALA A 427 10.96 -2.10 8.01
C ALA A 427 11.20 -1.07 6.92
N THR A 428 12.17 -0.19 7.16
CA THR A 428 12.53 0.86 6.21
C THR A 428 14.04 1.00 6.18
N PRO A 429 14.57 1.64 5.13
CA PRO A 429 16.03 1.83 5.04
C PRO A 429 16.46 2.71 6.22
N SER A 430 17.75 2.71 6.54
CA SER A 430 18.22 3.51 7.67
C SER A 430 18.39 5.00 7.39
N GLU A 431 18.51 5.39 6.12
CA GLU A 431 18.69 6.80 5.77
C GLU A 431 17.49 7.68 6.05
N ASP A 432 17.74 8.97 6.28
CA ASP A 432 16.70 9.95 6.56
C ASP A 432 15.70 10.06 5.42
N VAL A 433 16.20 9.85 4.22
CA VAL A 433 15.35 9.92 3.04
C VAL A 433 15.52 8.65 2.23
N PHE A 434 14.42 8.03 1.85
CA PHE A 434 14.48 6.84 1.02
C PHE A 434 13.31 6.91 0.06
N TYR A 435 13.43 6.22 -1.07
CA TYR A 435 12.40 6.27 -2.08
C TYR A 435 11.52 5.05 -2.13
N ALA A 436 10.23 5.29 -2.36
CA ALA A 436 9.29 4.20 -2.55
C ALA A 436 9.49 4.01 -4.05
N VAL A 437 9.73 2.77 -4.48
CA VAL A 437 9.91 2.47 -5.88
C VAL A 437 8.91 1.36 -6.14
N SER A 438 7.94 1.65 -6.99
CA SER A 438 6.91 0.67 -7.30
C SER A 438 6.83 0.44 -8.80
N LEU A 439 7.27 -0.73 -9.24
CA LEU A 439 7.24 -1.08 -10.66
C LEU A 439 6.04 -1.99 -10.81
N LEU A 440 4.93 -1.43 -11.28
CA LEU A 440 3.70 -2.20 -11.39
C LEU A 440 3.52 -2.90 -12.72
N PHE A 441 4.37 -3.89 -12.95
CA PHE A 441 4.34 -4.68 -14.19
C PHE A 441 3.10 -5.55 -14.26
N SER A 442 2.46 -5.53 -15.43
CA SER A 442 1.30 -6.37 -15.67
C SER A 442 1.70 -7.41 -16.72
N SER A 443 1.44 -8.67 -16.43
CA SER A 443 1.74 -9.72 -17.38
C SER A 443 0.54 -9.72 -18.31
N VAL A 444 0.48 -8.73 -19.19
CA VAL A 444 -0.61 -8.58 -20.14
C VAL A 444 -0.41 -9.49 -21.35
N ALA A 445 0.82 -9.54 -21.84
CA ALA A 445 1.14 -10.39 -22.98
C ALA A 445 0.90 -11.82 -22.50
N PRO A 446 0.63 -12.76 -23.43
CA PRO A 446 0.38 -14.16 -23.11
C PRO A 446 1.05 -14.64 -21.82
N ASN A 447 2.05 -15.50 -21.94
CA ASN A 447 2.77 -16.00 -20.77
C ASN A 447 4.08 -15.21 -20.68
N ASP A 448 3.94 -13.92 -20.38
CA ASP A 448 5.08 -12.99 -20.26
C ASP A 448 5.49 -12.86 -18.80
N LEU A 449 4.79 -13.59 -17.94
CA LEU A 449 5.05 -13.58 -16.51
C LEU A 449 6.46 -14.06 -16.14
N ALA A 450 6.90 -15.16 -16.74
CA ALA A 450 8.22 -15.69 -16.44
C ALA A 450 9.32 -14.64 -16.66
N ARG A 451 9.22 -13.90 -17.76
CA ARG A 451 10.21 -12.87 -18.06
C ARG A 451 10.20 -11.80 -16.97
N LEU A 452 9.01 -11.34 -16.62
CA LEU A 452 8.87 -10.30 -15.60
C LEU A 452 9.41 -10.78 -14.26
N GLN A 453 9.06 -12.01 -13.87
CA GLN A 453 9.55 -12.54 -12.60
C GLN A 453 11.07 -12.62 -12.61
N GLU A 454 11.64 -13.03 -13.74
CA GLU A 454 13.09 -13.11 -13.88
C GLU A 454 13.66 -11.70 -13.81
N GLN A 455 13.00 -10.76 -14.47
CA GLN A 455 13.43 -9.37 -14.47
C GLN A 455 13.50 -8.82 -13.04
N ASN A 456 12.49 -9.12 -12.23
CA ASN A 456 12.50 -8.61 -10.87
C ASN A 456 13.65 -9.22 -10.06
N ARG A 457 13.93 -10.50 -10.30
CA ARG A 457 15.05 -11.12 -9.60
C ARG A 457 16.33 -10.41 -10.02
N ARG A 458 16.41 -10.05 -11.30
CA ARG A 458 17.59 -9.38 -11.83
C ARG A 458 17.76 -7.99 -11.21
N ILE A 459 16.65 -7.33 -10.93
CA ILE A 459 16.69 -6.00 -10.32
C ILE A 459 17.19 -6.13 -8.90
N LEU A 460 16.64 -7.10 -8.17
CA LEU A 460 17.05 -7.32 -6.78
C LEU A 460 18.51 -7.74 -6.72
N ARG A 461 18.91 -8.59 -7.66
CA ARG A 461 20.29 -9.05 -7.72
C ARG A 461 21.20 -7.86 -7.98
N PHE A 462 20.80 -7.01 -8.94
CA PHE A 462 21.58 -5.82 -9.25
C PHE A 462 21.79 -4.99 -7.98
N CYS A 463 20.74 -4.82 -7.19
CA CYS A 463 20.84 -4.02 -5.97
C CYS A 463 21.74 -4.68 -4.93
N ASP A 464 21.65 -6.01 -4.81
CA ASP A 464 22.47 -6.72 -3.84
C ASP A 464 23.95 -6.56 -4.20
N LEU A 465 24.27 -6.68 -5.49
CA LEU A 465 25.65 -6.56 -5.94
C LEU A 465 26.20 -5.14 -5.84
N ALA A 466 25.33 -4.14 -5.95
CA ALA A 466 25.77 -2.74 -5.87
C ALA A 466 25.81 -2.31 -4.42
N GLY A 467 25.44 -3.22 -3.52
CA GLY A 467 25.46 -2.91 -2.11
C GLY A 467 24.34 -1.98 -1.70
N ILE A 468 23.27 -1.95 -2.47
CA ILE A 468 22.15 -1.09 -2.12
C ILE A 468 21.28 -1.75 -1.04
N GLN A 469 21.21 -1.10 0.13
CA GLN A 469 20.43 -1.61 1.27
C GLN A 469 18.95 -1.24 1.17
N TYR A 470 18.22 -1.98 0.35
CA TYR A 470 16.79 -1.73 0.16
C TYR A 470 15.92 -2.58 1.07
N LYS A 471 14.64 -2.22 1.13
CA LYS A 471 13.65 -2.97 1.88
C LYS A 471 12.53 -3.22 0.89
N THR A 472 12.00 -4.44 0.85
CA THR A 472 10.88 -4.68 -0.06
C THR A 472 9.62 -4.27 0.69
N TYR A 473 8.56 -4.00 -0.06
CA TYR A 473 7.30 -3.59 0.55
C TYR A 473 6.18 -4.48 0.02
N ALA A 474 5.28 -4.92 0.91
CA ALA A 474 4.17 -5.78 0.54
C ALA A 474 4.65 -7.03 -0.20
N ALA A 475 5.86 -7.46 0.11
CA ALA A 475 6.42 -8.64 -0.51
C ALA A 475 6.72 -9.67 0.57
N ARG A 476 6.60 -10.95 0.23
CA ARG A 476 6.87 -12.00 1.20
C ARG A 476 8.12 -12.75 0.77
N HIS A 477 8.93 -13.13 1.75
CA HIS A 477 10.15 -13.88 1.46
C HIS A 477 9.93 -15.34 1.83
N THR A 478 10.54 -16.24 1.07
CA THR A 478 10.39 -17.68 1.32
C THR A 478 11.58 -18.27 2.06
N ASP A 479 12.52 -17.43 2.46
CA ASP A 479 13.70 -17.89 3.19
C ASP A 479 13.90 -17.07 4.46
N ARG A 480 14.04 -17.76 5.58
CA ARG A 480 14.22 -17.11 6.87
C ARG A 480 15.33 -16.06 6.87
N SER A 481 16.46 -16.39 6.25
CA SER A 481 17.58 -15.44 6.20
C SER A 481 17.15 -14.12 5.58
N ASP A 482 16.23 -14.19 4.60
CA ASP A 482 15.73 -13.01 3.94
C ASP A 482 14.86 -12.16 4.86
N TRP A 483 13.99 -12.81 5.63
CA TRP A 483 13.14 -12.05 6.55
C TRP A 483 13.99 -11.42 7.64
N VAL A 484 15.04 -12.11 8.05
CA VAL A 484 15.92 -11.57 9.08
C VAL A 484 16.63 -10.32 8.54
N ARG A 485 17.10 -10.41 7.29
CA ARG A 485 17.77 -9.28 6.66
C ARG A 485 16.79 -8.14 6.38
N HIS A 486 15.55 -8.50 6.10
CA HIS A 486 14.50 -7.51 5.82
C HIS A 486 14.25 -6.64 7.04
N PHE A 487 14.00 -7.28 8.18
CA PHE A 487 13.75 -6.56 9.42
C PHE A 487 15.04 -6.02 10.04
N GLY A 488 16.11 -6.79 9.92
CA GLY A 488 17.38 -6.44 10.54
C GLY A 488 17.44 -7.40 11.72
N ALA A 489 18.63 -7.92 12.05
CA ALA A 489 18.78 -8.88 13.14
C ALA A 489 18.08 -8.54 14.46
N ALA A 490 18.34 -7.34 14.98
CA ALA A 490 17.74 -6.92 16.25
C ALA A 490 16.23 -6.77 16.13
N LYS A 491 15.79 -6.06 15.09
CA LYS A 491 14.37 -5.86 14.90
C LYS A 491 13.70 -7.21 14.65
N TRP A 492 14.42 -8.15 14.08
CA TRP A 492 13.86 -9.48 13.84
C TRP A 492 13.60 -10.18 15.16
N ASN A 493 14.59 -10.14 16.06
CA ASN A 493 14.45 -10.75 17.37
C ASN A 493 13.24 -10.19 18.07
N ARG A 494 13.00 -8.89 17.87
CA ARG A 494 11.87 -8.23 18.49
C ARG A 494 10.57 -8.79 17.90
N PHE A 495 10.59 -9.02 16.60
CA PHE A 495 9.43 -9.54 15.87
C PHE A 495 9.10 -10.93 16.43
N VAL A 496 10.15 -11.73 16.67
CA VAL A 496 10.00 -13.08 17.20
C VAL A 496 9.45 -13.03 18.63
N GLU A 497 9.99 -12.12 19.44
CA GLU A 497 9.52 -11.98 20.81
C GLU A 497 8.03 -11.70 20.82
N MET A 498 7.59 -10.81 19.94
CA MET A 498 6.18 -10.46 19.86
C MET A 498 5.36 -11.61 19.28
N LYS A 499 5.96 -12.37 18.38
CA LYS A 499 5.28 -13.50 17.77
C LYS A 499 5.02 -14.55 18.86
N ASN A 500 6.01 -14.74 19.72
CA ASN A 500 5.90 -15.70 20.80
C ASN A 500 4.86 -15.27 21.83
N LYS A 501 4.59 -13.97 21.88
CA LYS A 501 3.63 -13.44 22.84
C LYS A 501 2.20 -13.35 22.32
N TYR A 502 2.04 -13.08 21.03
CA TYR A 502 0.70 -12.94 20.46
C TYR A 502 0.23 -14.08 19.56
N ASP A 503 1.14 -14.91 19.08
CA ASP A 503 0.76 -16.03 18.23
C ASP A 503 1.80 -17.14 18.32
N PRO A 504 1.98 -17.70 19.54
CA PRO A 504 2.93 -18.78 19.80
C PRO A 504 2.74 -20.02 18.94
N LYS A 505 1.50 -20.28 18.53
CA LYS A 505 1.24 -21.44 17.71
C LYS A 505 1.59 -21.23 16.24
N ARG A 506 2.02 -20.03 15.89
CA ARG A 506 2.41 -19.72 14.51
C ARG A 506 1.30 -20.10 13.53
N LEU A 507 0.10 -19.57 13.75
CA LEU A 507 -1.03 -19.89 12.88
C LEU A 507 -1.52 -18.74 12.02
N LEU A 508 -1.28 -17.51 12.48
CA LEU A 508 -1.76 -16.34 11.76
C LEU A 508 -0.99 -15.91 10.51
N SER A 509 -1.75 -15.65 9.45
CA SER A 509 -1.20 -15.21 8.17
C SER A 509 0.04 -15.99 7.74
N PRO A 510 -0.10 -17.33 7.61
CA PRO A 510 1.02 -18.17 7.20
C PRO A 510 1.52 -17.81 5.80
N GLY A 511 0.66 -17.16 5.03
CA GLY A 511 1.00 -16.76 3.68
C GLY A 511 2.18 -15.80 3.58
N GLN A 512 2.54 -15.16 4.69
CA GLN A 512 3.67 -14.25 4.70
C GLN A 512 4.96 -15.07 4.69
N ASP A 513 4.83 -16.36 5.00
CA ASP A 513 5.97 -17.27 5.01
C ASP A 513 7.08 -16.86 5.97
N ILE A 514 6.71 -16.16 7.03
CA ILE A 514 7.70 -15.74 8.01
C ILE A 514 7.92 -16.88 9.01
N PHE A 515 6.82 -17.33 9.62
CA PHE A 515 6.88 -18.40 10.60
C PHE A 515 6.21 -19.65 10.03
N ASN A 516 5.97 -19.63 8.73
CA ASN A 516 5.34 -20.75 8.04
C ASN A 516 5.99 -20.96 6.68
#